data_8BH9
#
_entry.id   8BH9
#
_cell.length_a   36.448
_cell.length_b   79.462
_cell.length_c   218.252
_cell.angle_alpha   90.000
_cell.angle_beta   90.000
_cell.angle_gamma   90.000
#
_symmetry.space_group_name_H-M   'P 21 21 21'
#
loop_
_entity.id
_entity.type
_entity.pdbx_description
1 polymer 'PCIF1_WW domain-containing protein'
2 polymer "RNA (5'-R(P*AP*AP*GP*AP*AP*UP*GP*CP*AP*UP*UP*C)-3')"
3 non-polymer 'POTASSIUM ION'
4 water water
#
loop_
_entity_poly.entity_id
_entity_poly.type
_entity_poly.pdbx_seq_one_letter_code
_entity_poly.pdbx_strand_id
1 'polypeptide(L)'
;MDAIRTYSTQLEEILSRKFSDHSLLLGFNASVQAKIYTWIVNDLDQYSKHPEMEFDAIGVFDKLWTDFHYPIIKFFQQQH
AVVFEEQNRELKKCQKEGRPGEFKVRPVEMRKINDNFMKYIKEIYQFYGKLLKYFTTKYKNPNIPDKFLEEFRFTVSGNA
IECQDDNFLGHVIHLSHKCCLCLGDMLRNQAFIDTNYVVPCLSNKEFFKFKSSPNKRNHMGSYVKAIQYYNLCIMLIPAL
SEPYNQIGVIYNSVDDKFNAIYWFLRSHFSRLSEHQLGFANMSAILKKHWFTTALVDIVNGNSERRFSNANVMNVFLVCL
LGYIYCPERYKNGPNIVKKIPFSKIETDLFKMISSDFDEQVVLKHLVVMFGIVRLTREDEQRDKLLRFAFRYVEKVLVYL
KTGDGLMVLRFILNLLRENAPWLQVFTSRRNCVVYLTAVLKRFASDSTTRPTRMFFFEEDVNFRDCSLIKYQFKDFNDEA
LFSPYIANMVVGDYSKCDLQDAVDEYVERKRTDAVVVLGKKILSGVQEKKAD
;
A
2 'polyribonucleotide' AAGAAUGCAUUC B
#
# COMPACT_ATOMS: atom_id res chain seq x y z
N ALA A 3 15.13 21.71 20.91
CA ALA A 3 14.12 21.58 21.96
C ALA A 3 13.54 20.16 21.99
N ILE A 4 13.39 19.54 20.82
CA ILE A 4 12.87 18.18 20.76
C ILE A 4 13.80 17.22 21.47
N ARG A 5 15.11 17.46 21.41
CA ARG A 5 16.06 16.61 22.12
C ARG A 5 15.83 16.68 23.63
N THR A 6 15.60 17.87 24.17
CA THR A 6 15.34 17.99 25.61
C THR A 6 14.08 17.24 26.01
N TYR A 7 13.01 17.42 25.24
CA TYR A 7 11.77 16.72 25.50
C TYR A 7 11.97 15.21 25.45
N SER A 8 12.71 14.72 24.44
CA SER A 8 12.92 13.28 24.32
C SER A 8 13.76 12.74 25.47
N THR A 9 14.72 13.53 25.96
CA THR A 9 15.46 13.14 27.17
C THR A 9 14.53 12.99 28.36
N GLN A 10 13.70 14.01 28.61
CA GLN A 10 12.78 13.93 29.73
C GLN A 10 11.83 12.76 29.57
N LEU A 11 11.36 12.54 28.34
CA LEU A 11 10.47 11.43 28.07
C LEU A 11 11.14 10.10 28.40
N GLU A 12 12.37 9.90 27.90
CA GLU A 12 13.04 8.63 28.15
C GLU A 12 13.30 8.42 29.63
N GLU A 13 13.57 9.50 30.37
CA GLU A 13 13.67 9.37 31.82
C GLU A 13 12.34 8.94 32.41
N ILE A 14 11.24 9.50 31.93
CA ILE A 14 9.91 9.15 32.46
C ILE A 14 9.58 7.69 32.14
N LEU A 15 9.72 7.29 30.87
CA LEU A 15 9.32 5.95 30.44
C LEU A 15 10.21 4.87 31.05
N SER A 16 11.38 5.23 31.54
CA SER A 16 12.31 4.26 32.14
C SER A 16 12.02 3.99 33.61
N ARG A 17 11.02 4.63 34.21
CA ARG A 17 10.77 4.41 35.63
C ARG A 17 10.10 3.05 35.85
N LYS A 18 10.43 2.42 36.98
CA LYS A 18 9.86 1.11 37.29
C LYS A 18 8.34 1.18 37.46
N PHE A 19 7.83 2.30 37.97
CA PHE A 19 6.40 2.49 38.21
C PHE A 19 5.93 3.70 37.44
N SER A 20 4.99 3.49 36.51
CA SER A 20 4.61 4.50 35.54
C SER A 20 3.49 5.38 36.08
N ASP A 21 3.70 6.69 36.01
CA ASP A 21 2.65 7.66 36.30
C ASP A 21 1.99 8.00 34.97
N HIS A 22 0.80 7.45 34.74
CA HIS A 22 0.06 7.73 33.53
C HIS A 22 -0.29 9.20 33.41
N SER A 23 -0.72 9.82 34.51
CA SER A 23 -1.09 11.22 34.49
C SER A 23 0.11 12.09 34.14
N LEU A 24 1.29 11.75 34.68
CA LEU A 24 2.47 12.55 34.41
C LEU A 24 2.83 12.51 32.93
N LEU A 25 2.79 11.31 32.34
CA LEU A 25 3.04 11.15 30.92
C LEU A 25 2.04 11.94 30.07
N LEU A 26 0.74 11.79 30.35
CA LEU A 26 -0.25 12.50 29.55
C LEU A 26 -0.12 14.01 29.69
N GLY A 27 0.12 14.51 30.90
CA GLY A 27 0.34 15.93 31.07
C GLY A 27 1.55 16.43 30.30
N PHE A 28 2.64 15.65 30.33
CA PHE A 28 3.86 16.03 29.63
C PHE A 28 3.64 16.03 28.12
N ASN A 29 2.94 15.02 27.60
CA ASN A 29 2.61 15.01 26.18
C ASN A 29 1.75 16.21 25.81
N ALA A 30 0.75 16.54 26.62
CA ALA A 30 -0.12 17.67 26.30
C ALA A 30 0.67 18.97 26.27
N SER A 31 1.58 19.17 27.23
CA SER A 31 2.40 20.38 27.23
C SER A 31 3.32 20.45 26.01
N VAL A 32 3.96 19.32 25.65
CA VAL A 32 4.83 19.30 24.47
C VAL A 32 4.02 19.57 23.20
N GLN A 33 2.82 19.00 23.10
CA GLN A 33 1.98 19.22 21.93
C GLN A 33 1.58 20.68 21.80
N ALA A 34 1.19 21.30 22.92
CA ALA A 34 0.83 22.71 22.84
C ALA A 34 2.00 23.54 22.34
N LYS A 35 3.20 23.27 22.89
CA LYS A 35 4.41 23.97 22.46
C LYS A 35 4.66 23.78 20.96
N ILE A 36 4.66 22.52 20.50
CA ILE A 36 4.97 22.24 19.11
C ILE A 36 3.96 22.89 18.18
N TYR A 37 2.68 22.90 18.56
CA TYR A 37 1.66 23.51 17.71
C TYR A 37 1.92 25.01 17.52
N THR A 38 2.09 25.75 18.64
CA THR A 38 2.36 27.18 18.48
C THR A 38 3.66 27.40 17.69
N TRP A 39 4.65 26.52 17.89
CA TRP A 39 5.93 26.67 17.20
C TRP A 39 5.76 26.51 15.69
N ILE A 40 5.03 25.48 15.25
CA ILE A 40 4.95 25.21 13.81
C ILE A 40 4.08 26.25 13.13
N VAL A 41 3.00 26.69 13.80
CA VAL A 41 2.18 27.77 13.23
C VAL A 41 3.06 28.98 12.95
N ASN A 42 3.86 29.37 13.95
CA ASN A 42 4.74 30.52 13.81
C ASN A 42 5.85 30.28 12.79
N ASP A 43 6.34 29.05 12.68
CA ASP A 43 7.38 28.72 11.71
C ASP A 43 6.88 28.86 10.26
N LEU A 44 5.67 28.38 9.99
CA LEU A 44 5.10 28.63 8.66
C LEU A 44 4.87 30.12 8.43
N ASP A 45 4.36 30.83 9.45
CA ASP A 45 4.06 32.25 9.30
C ASP A 45 5.30 33.06 8.91
N GLN A 46 6.45 32.73 9.50
CA GLN A 46 7.68 33.46 9.27
C GLN A 46 8.54 32.86 8.15
N TYR A 47 8.01 31.89 7.39
CA TYR A 47 8.77 31.22 6.34
C TYR A 47 9.43 32.21 5.40
N SER A 48 8.65 33.15 4.88
CA SER A 48 9.22 34.11 3.93
C SER A 48 10.19 35.08 4.58
N LYS A 49 10.36 35.07 5.91
CA LYS A 49 11.26 36.03 6.54
C LYS A 49 12.65 35.47 6.81
N HIS A 50 12.85 34.17 6.65
CA HIS A 50 14.12 33.51 6.91
C HIS A 50 14.52 32.70 5.68
N PRO A 51 15.80 32.38 5.53
CA PRO A 51 16.23 31.56 4.40
C PRO A 51 15.47 30.24 4.38
N GLU A 52 15.11 29.80 3.17
CA GLU A 52 14.25 28.61 3.07
C GLU A 52 14.92 27.40 3.68
N MET A 53 16.23 27.29 3.55
CA MET A 53 16.93 26.14 4.09
C MET A 53 16.98 26.16 5.63
N GLU A 54 16.64 27.29 6.25
CA GLU A 54 16.43 27.33 7.70
C GLU A 54 15.02 26.92 8.11
N PHE A 55 14.15 26.64 7.15
CA PHE A 55 12.81 26.17 7.47
C PHE A 55 12.90 24.77 8.05
N ASP A 56 12.48 24.61 9.31
CA ASP A 56 12.78 23.41 10.09
C ASP A 56 11.58 22.52 10.35
N ALA A 57 10.38 22.90 9.90
CA ALA A 57 9.17 22.25 10.38
C ALA A 57 9.12 20.77 10.02
N ILE A 58 9.63 20.40 8.84
CA ILE A 58 9.56 19.02 8.40
C ILE A 58 10.42 18.14 9.30
N GLY A 59 11.65 18.58 9.59
CA GLY A 59 12.51 17.83 10.49
C GLY A 59 11.98 17.79 11.90
N VAL A 60 11.43 18.91 12.38
CA VAL A 60 10.85 18.99 13.72
C VAL A 60 9.71 17.98 13.86
N PHE A 61 8.82 17.96 12.87
CA PHE A 61 7.70 17.02 12.86
C PHE A 61 8.19 15.57 12.81
N ASP A 62 9.15 15.28 11.94
CA ASP A 62 9.67 13.91 11.87
C ASP A 62 10.29 13.50 13.20
N LYS A 63 10.98 14.42 13.87
CA LYS A 63 11.60 14.10 15.16
C LYS A 63 10.55 13.95 16.26
N LEU A 64 9.49 14.75 16.23
CA LEU A 64 8.42 14.59 17.20
C LEU A 64 7.81 13.22 17.11
N TRP A 65 7.57 12.73 15.89
CA TRP A 65 7.05 11.38 15.75
C TRP A 65 8.07 10.34 16.20
N THR A 66 9.27 10.34 15.61
CA THR A 66 10.19 9.22 15.84
C THR A 66 10.76 9.21 17.26
N ASP A 67 11.00 10.37 17.86
CA ASP A 67 11.66 10.43 19.15
C ASP A 67 10.70 10.66 20.31
N PHE A 68 9.49 11.19 20.07
CA PHE A 68 8.55 11.39 21.18
C PHE A 68 7.30 10.52 21.11
N HIS A 69 6.54 10.55 20.02
CA HIS A 69 5.21 9.94 20.07
C HIS A 69 5.27 8.43 19.83
N TYR A 70 6.07 8.01 18.85
CA TYR A 70 6.20 6.58 18.59
C TYR A 70 6.84 5.83 19.77
N PRO A 71 7.90 6.36 20.40
CA PRO A 71 8.43 5.65 21.59
C PRO A 71 7.39 5.45 22.67
N ILE A 72 6.47 6.41 22.87
CA ILE A 72 5.40 6.18 23.84
C ILE A 72 4.52 5.03 23.38
N ILE A 73 4.19 4.98 22.09
CA ILE A 73 3.42 3.83 21.60
C ILE A 73 4.14 2.52 21.91
N LYS A 74 5.45 2.48 21.68
CA LYS A 74 6.22 1.25 21.87
C LYS A 74 6.32 0.87 23.33
N PHE A 75 6.42 1.87 24.21
CA PHE A 75 6.35 1.66 25.65
C PHE A 75 5.04 0.97 26.05
N PHE A 76 3.91 1.48 25.55
CA PHE A 76 2.63 0.86 25.88
C PHE A 76 2.55 -0.56 25.33
N GLN A 77 3.04 -0.77 24.11
CA GLN A 77 3.07 -2.11 23.52
C GLN A 77 3.88 -3.06 24.38
N GLN A 78 5.04 -2.62 24.86
CA GLN A 78 5.88 -3.47 25.70
C GLN A 78 5.16 -3.84 27.00
N GLN A 79 4.40 -2.90 27.58
CA GLN A 79 3.60 -3.24 28.76
C GLN A 79 2.56 -4.32 28.44
N HIS A 80 1.91 -4.19 27.29
CA HIS A 80 0.94 -5.22 26.88
C HIS A 80 1.62 -6.56 26.73
N ALA A 81 2.79 -6.58 26.09
CA ALA A 81 3.52 -7.83 25.89
C ALA A 81 3.93 -8.45 27.22
N VAL A 82 4.30 -7.62 28.20
CA VAL A 82 4.66 -8.16 29.52
C VAL A 82 3.48 -8.91 30.12
N VAL A 83 2.29 -8.30 30.06
CA VAL A 83 1.12 -8.98 30.62
C VAL A 83 0.80 -10.26 29.83
N PHE A 84 0.91 -10.20 28.51
CA PHE A 84 0.63 -11.39 27.70
C PHE A 84 1.58 -12.53 28.06
N GLU A 85 2.86 -12.23 28.23
CA GLU A 85 3.81 -13.25 28.62
C GLU A 85 3.55 -13.77 30.03
N GLU A 86 3.04 -12.92 30.93
CA GLU A 86 2.62 -13.42 32.24
C GLU A 86 1.51 -14.47 32.08
N GLN A 87 0.55 -14.21 31.20
CA GLN A 87 -0.49 -15.21 30.94
C GLN A 87 0.11 -16.50 30.39
N ASN A 88 1.05 -16.39 29.46
CA ASN A 88 1.69 -17.57 28.89
C ASN A 88 2.42 -18.39 29.97
N ARG A 89 3.12 -17.70 30.87
CA ARG A 89 3.79 -18.38 31.97
C ARG A 89 2.80 -19.10 32.87
N GLU A 90 1.67 -18.46 33.18
CA GLU A 90 0.66 -19.13 33.99
C GLU A 90 0.15 -20.40 33.31
N LEU A 91 -0.09 -20.32 32.00
CA LEU A 91 -0.57 -21.48 31.26
C LEU A 91 0.45 -22.62 31.30
N LYS A 92 1.72 -22.29 31.05
CA LYS A 92 2.75 -23.33 31.06
C LYS A 92 2.89 -23.96 32.44
N LYS A 93 2.82 -23.14 33.50
CA LYS A 93 2.91 -23.67 34.85
C LYS A 93 1.74 -24.60 35.17
N CYS A 94 0.52 -24.20 34.79
CA CYS A 94 -0.63 -25.06 35.03
C CYS A 94 -0.54 -26.36 34.22
N GLN A 95 0.02 -26.29 33.01
CA GLN A 95 0.20 -27.50 32.21
C GLN A 95 1.21 -28.44 32.88
N LYS A 96 2.34 -27.91 33.34
CA LYS A 96 3.38 -28.79 33.89
C LYS A 96 3.04 -29.30 35.28
N GLU A 97 2.10 -28.67 35.99
CA GLU A 97 1.71 -29.12 37.32
C GLU A 97 0.55 -30.13 37.28
N GLY A 98 0.16 -30.59 36.10
CA GLY A 98 -0.92 -31.54 36.01
C GLY A 98 -2.29 -30.97 36.32
N ARG A 99 -2.45 -29.66 36.21
CA ARG A 99 -3.72 -28.98 36.49
C ARG A 99 -4.04 -28.05 35.32
N PRO A 100 -4.32 -28.59 34.14
CA PRO A 100 -4.53 -27.73 32.97
C PRO A 100 -5.85 -27.00 33.00
N GLY A 101 -6.90 -27.60 33.55
CA GLY A 101 -8.18 -26.92 33.66
C GLY A 101 -8.20 -25.81 34.69
N GLU A 102 -7.20 -25.74 35.55
CA GLU A 102 -7.12 -24.69 36.55
C GLU A 102 -6.54 -23.39 36.00
N PHE A 103 -6.08 -23.38 34.75
CA PHE A 103 -5.53 -22.15 34.16
C PHE A 103 -6.65 -21.16 33.87
N LYS A 104 -6.45 -19.91 34.26
CA LYS A 104 -7.41 -18.84 34.02
C LYS A 104 -6.69 -17.61 33.51
N VAL A 105 -7.14 -17.07 32.37
CA VAL A 105 -6.68 -15.75 31.95
C VAL A 105 -7.19 -14.72 32.95
N ARG A 106 -6.31 -13.80 33.32
CA ARG A 106 -6.72 -12.66 34.12
C ARG A 106 -6.93 -11.48 33.19
N PRO A 107 -8.17 -11.01 32.99
CA PRO A 107 -8.40 -9.90 32.06
C PRO A 107 -8.03 -8.54 32.62
N VAL A 108 -8.02 -8.39 33.94
CA VAL A 108 -7.60 -7.13 34.57
C VAL A 108 -6.10 -6.95 34.35
N GLU A 109 -5.66 -5.69 34.39
CA GLU A 109 -4.29 -5.24 34.16
C GLU A 109 -3.84 -5.44 32.71
N MET A 110 -4.58 -6.18 31.89
CA MET A 110 -4.52 -5.94 30.46
C MET A 110 -5.42 -4.77 30.09
N ARG A 111 -6.62 -4.73 30.69
CA ARG A 111 -7.56 -3.66 30.41
C ARG A 111 -7.09 -2.32 30.95
N LYS A 112 -6.40 -2.31 32.10
CA LYS A 112 -5.91 -1.04 32.64
C LYS A 112 -4.82 -0.46 31.75
N ILE A 113 -3.85 -1.28 31.35
CA ILE A 113 -2.79 -0.82 30.47
C ILE A 113 -3.39 -0.33 29.16
N ASN A 114 -4.29 -1.13 28.57
CA ASN A 114 -4.91 -0.73 27.31
C ASN A 114 -5.69 0.55 27.48
N ASP A 115 -6.31 0.76 28.64
CA ASP A 115 -7.07 1.99 28.87
C ASP A 115 -6.17 3.22 28.87
N ASN A 116 -5.02 3.13 29.55
CA ASN A 116 -4.07 4.24 29.49
C ASN A 116 -3.56 4.44 28.07
N PHE A 117 -3.30 3.34 27.37
CA PHE A 117 -2.83 3.41 25.99
C PHE A 117 -3.85 4.11 25.10
N MET A 118 -5.13 3.76 25.27
CA MET A 118 -6.21 4.34 24.49
C MET A 118 -6.35 5.83 24.75
N LYS A 119 -6.23 6.25 26.02
CA LYS A 119 -6.27 7.69 26.30
C LYS A 119 -5.13 8.43 25.61
N TYR A 120 -3.93 7.85 25.63
CA TYR A 120 -2.82 8.48 24.92
C TYR A 120 -3.09 8.54 23.41
N ILE A 121 -3.59 7.45 22.83
CA ILE A 121 -3.89 7.44 21.40
C ILE A 121 -4.91 8.51 21.06
N LYS A 122 -5.94 8.66 21.91
CA LYS A 122 -6.95 9.69 21.65
C LYS A 122 -6.31 11.08 21.65
N GLU A 123 -5.39 11.35 22.58
CA GLU A 123 -4.71 12.65 22.59
C GLU A 123 -3.92 12.89 21.30
N ILE A 124 -3.12 11.91 20.86
CA ILE A 124 -2.29 12.21 19.69
C ILE A 124 -3.14 12.19 18.40
N TYR A 125 -4.17 11.36 18.33
CA TYR A 125 -5.09 11.40 17.20
C TYR A 125 -5.69 12.80 17.07
N GLN A 126 -6.15 13.38 18.18
CA GLN A 126 -6.70 14.73 18.10
C GLN A 126 -5.63 15.74 17.69
N PHE A 127 -4.41 15.60 18.22
CA PHE A 127 -3.32 16.52 17.87
C PHE A 127 -3.01 16.50 16.38
N TYR A 128 -2.79 15.29 15.82
CA TYR A 128 -2.41 15.24 14.41
C TYR A 128 -3.58 15.63 13.51
N GLY A 129 -4.83 15.36 13.92
CA GLY A 129 -5.96 15.83 13.13
C GLY A 129 -6.09 17.35 13.16
N LYS A 130 -5.78 17.96 14.31
CA LYS A 130 -5.78 19.40 14.44
C LYS A 130 -4.72 20.03 13.54
N LEU A 131 -3.50 19.46 13.54
CA LEU A 131 -2.46 19.97 12.64
C LEU A 131 -2.84 19.79 11.18
N LEU A 132 -3.38 18.62 10.83
CA LEU A 132 -3.79 18.40 9.44
C LEU A 132 -4.83 19.42 9.00
N LYS A 133 -5.81 19.69 9.87
CA LYS A 133 -6.84 20.67 9.53
C LYS A 133 -6.24 22.05 9.33
N TYR A 134 -5.34 22.45 10.24
CA TYR A 134 -4.69 23.75 10.09
C TYR A 134 -3.94 23.84 8.77
N PHE A 135 -3.06 22.87 8.49
CA PHE A 135 -2.26 22.89 7.28
C PHE A 135 -3.14 22.95 6.05
N THR A 136 -4.28 22.25 6.08
CA THR A 136 -5.10 22.10 4.88
C THR A 136 -6.04 23.27 4.68
N THR A 137 -6.43 23.97 5.74
CA THR A 137 -7.40 25.04 5.56
C THR A 137 -6.82 26.45 5.71
N LYS A 138 -5.64 26.61 6.31
CA LYS A 138 -5.08 27.94 6.47
C LYS A 138 -4.53 28.51 5.17
N TYR A 139 -4.06 27.68 4.25
CA TYR A 139 -3.41 28.15 3.05
C TYR A 139 -4.15 27.62 1.84
N LYS A 140 -4.53 28.52 0.94
CA LYS A 140 -5.07 28.09 -0.33
C LYS A 140 -4.02 27.27 -1.06
N ASN A 141 -4.36 26.05 -1.41
CA ASN A 141 -3.45 25.27 -2.23
C ASN A 141 -4.21 24.54 -3.32
N PRO A 142 -4.11 25.01 -4.58
CA PRO A 142 -4.80 24.32 -5.69
C PRO A 142 -4.33 22.89 -5.90
N ASN A 143 -3.19 22.47 -5.33
CA ASN A 143 -2.69 21.12 -5.48
C ASN A 143 -3.30 20.12 -4.50
N ILE A 144 -4.32 20.52 -3.73
CA ILE A 144 -5.03 19.60 -2.85
C ILE A 144 -6.36 19.24 -3.50
N PRO A 145 -6.61 17.98 -3.82
CA PRO A 145 -7.89 17.62 -4.46
C PRO A 145 -9.06 17.92 -3.55
N ASP A 146 -10.17 18.35 -4.16
CA ASP A 146 -11.39 18.51 -3.41
C ASP A 146 -11.86 17.22 -2.77
N LYS A 147 -11.46 16.05 -3.32
CA LYS A 147 -11.79 14.79 -2.68
C LYS A 147 -11.11 14.68 -1.31
N PHE A 148 -9.86 15.12 -1.23
CA PHE A 148 -9.17 15.14 0.05
C PHE A 148 -9.93 16.02 1.04
N LEU A 149 -10.35 17.21 0.61
CA LEU A 149 -11.10 18.13 1.47
C LEU A 149 -12.42 17.52 1.91
N GLU A 150 -13.12 16.83 1.00
CA GLU A 150 -14.44 16.28 1.31
C GLU A 150 -14.34 15.07 2.23
N GLU A 151 -13.27 14.28 2.12
CA GLU A 151 -13.06 13.17 3.05
C GLU A 151 -12.98 13.65 4.49
N PHE A 152 -12.50 14.88 4.71
CA PHE A 152 -12.33 15.43 6.05
C PHE A 152 -13.37 16.50 6.39
N ARG A 153 -14.27 16.84 5.46
CA ARG A 153 -15.24 17.92 5.66
C ARG A 153 -14.56 19.27 5.89
N PHE A 154 -13.37 19.47 5.32
CA PHE A 154 -12.68 20.75 5.42
C PHE A 154 -13.24 21.71 4.39
N THR A 155 -13.36 22.98 4.77
CA THR A 155 -13.62 24.06 3.83
C THR A 155 -12.51 25.10 3.95
N VAL A 156 -11.97 25.52 2.81
CA VAL A 156 -10.92 26.54 2.78
C VAL A 156 -11.58 27.90 2.69
N SER A 157 -11.31 28.76 3.68
CA SER A 157 -11.86 30.10 3.69
C SER A 157 -11.14 31.00 2.68
N GLY A 158 -11.53 32.27 2.65
CA GLY A 158 -10.77 33.27 1.92
C GLY A 158 -9.44 33.55 2.60
N ASN A 159 -8.60 32.53 2.71
CA ASN A 159 -7.43 32.58 3.58
C ASN A 159 -6.18 32.99 2.81
N ALA A 160 -5.01 32.74 3.41
CA ALA A 160 -3.75 33.20 2.84
C ALA A 160 -3.52 32.53 1.48
N ILE A 161 -3.23 33.35 0.48
CA ILE A 161 -2.88 32.88 -0.86
C ILE A 161 -1.37 32.93 -0.97
N GLU A 162 -0.73 31.77 -1.09
CA GLU A 162 0.73 31.69 -1.23
C GLU A 162 1.13 31.35 -2.65
N CYS A 163 0.52 32.04 -3.62
CA CYS A 163 0.95 31.88 -5.00
C CYS A 163 2.39 32.31 -5.17
N GLN A 164 2.85 33.21 -4.30
CA GLN A 164 4.24 33.68 -4.36
C GLN A 164 5.22 32.51 -4.36
N ASP A 165 4.96 31.47 -3.56
CA ASP A 165 5.93 30.42 -3.32
C ASP A 165 5.30 29.05 -3.49
N ASP A 166 5.68 28.35 -4.57
CA ASP A 166 5.30 26.95 -4.73
C ASP A 166 6.12 26.03 -3.84
N ASN A 167 7.34 26.43 -3.48
CA ASN A 167 8.11 25.64 -2.52
C ASN A 167 7.42 25.64 -1.16
N PHE A 168 6.86 26.79 -0.76
CA PHE A 168 6.13 26.84 0.51
C PHE A 168 4.95 25.88 0.48
N LEU A 169 4.15 25.91 -0.58
CA LEU A 169 2.98 25.03 -0.65
C LEU A 169 3.38 23.56 -0.71
N GLY A 170 4.50 23.26 -1.38
CA GLY A 170 5.02 21.89 -1.33
C GLY A 170 5.40 21.45 0.07
N HIS A 171 5.99 22.36 0.85
CA HIS A 171 6.29 22.01 2.24
C HIS A 171 5.01 21.77 3.04
N VAL A 172 3.99 22.60 2.81
CA VAL A 172 2.76 22.45 3.58
C VAL A 172 2.07 21.12 3.26
N ILE A 173 2.01 20.75 1.98
CA ILE A 173 1.39 19.47 1.69
C ILE A 173 2.23 18.32 2.24
N HIS A 174 3.57 18.46 2.30
CA HIS A 174 4.38 17.42 2.92
C HIS A 174 4.06 17.28 4.42
N LEU A 175 3.83 18.41 5.10
CA LEU A 175 3.39 18.36 6.49
C LEU A 175 2.04 17.66 6.64
N SER A 176 1.09 17.97 5.76
CA SER A 176 -0.19 17.27 5.80
C SER A 176 -0.02 15.77 5.56
N HIS A 177 0.88 15.42 4.65
CA HIS A 177 1.16 14.01 4.38
C HIS A 177 1.71 13.32 5.62
N LYS A 178 2.63 13.99 6.33
CA LYS A 178 3.16 13.42 7.56
C LYS A 178 2.05 13.24 8.61
N CYS A 179 1.13 14.20 8.72
CA CYS A 179 0.02 14.04 9.66
C CYS A 179 -0.80 12.80 9.36
N CYS A 180 -1.18 12.63 8.07
CA CYS A 180 -1.95 11.45 7.68
C CYS A 180 -1.17 10.17 7.93
N LEU A 181 0.14 10.19 7.67
CA LEU A 181 0.98 9.02 7.91
C LEU A 181 0.98 8.66 9.40
N CYS A 182 1.10 9.66 10.28
CA CYS A 182 1.09 9.43 11.73
C CYS A 182 -0.26 8.90 12.18
N LEU A 183 -1.34 9.40 11.57
CA LEU A 183 -2.66 8.90 11.93
C LEU A 183 -2.83 7.43 11.53
N GLY A 184 -2.40 7.08 10.31
CA GLY A 184 -2.43 5.67 9.92
C GLY A 184 -1.55 4.81 10.80
N ASP A 185 -0.34 5.29 11.13
CA ASP A 185 0.59 4.52 11.95
C ASP A 185 0.03 4.29 13.35
N MET A 186 -0.55 5.32 13.96
CA MET A 186 -1.03 5.13 15.33
C MET A 186 -2.23 4.18 15.33
N LEU A 187 -3.08 4.28 14.30
CA LEU A 187 -4.22 3.37 14.25
C LEU A 187 -3.78 1.94 13.97
N ARG A 188 -2.79 1.76 13.09
CA ARG A 188 -2.24 0.44 12.82
C ARG A 188 -1.63 -0.17 14.08
N ASN A 189 -0.86 0.61 14.83
CA ASN A 189 -0.29 0.10 16.08
C ASN A 189 -1.39 -0.26 17.07
N GLN A 190 -2.42 0.58 17.19
CA GLN A 190 -3.53 0.27 18.09
C GLN A 190 -4.25 -1.01 17.69
N ALA A 191 -4.49 -1.20 16.39
CA ALA A 191 -5.17 -2.42 15.94
C ALA A 191 -4.31 -3.65 16.17
N PHE A 192 -3.00 -3.55 15.91
CA PHE A 192 -2.10 -4.66 16.23
C PHE A 192 -2.18 -5.01 17.71
N ILE A 193 -2.11 -4.00 18.58
CA ILE A 193 -2.09 -4.27 20.01
C ILE A 193 -3.40 -4.89 20.46
N ASP A 194 -4.52 -4.41 19.91
CA ASP A 194 -5.82 -5.00 20.25
C ASP A 194 -5.89 -6.47 19.82
N THR A 195 -5.42 -6.79 18.61
CA THR A 195 -5.62 -8.15 18.11
C THR A 195 -4.61 -9.15 18.69
N ASN A 196 -3.41 -8.71 19.06
CA ASN A 196 -2.36 -9.63 19.50
C ASN A 196 -2.19 -9.70 21.01
N TYR A 197 -2.57 -8.66 21.74
CA TYR A 197 -2.41 -8.70 23.19
C TYR A 197 -3.72 -8.58 23.96
N VAL A 198 -4.60 -7.65 23.58
CA VAL A 198 -5.80 -7.40 24.38
C VAL A 198 -6.83 -8.51 24.17
N VAL A 199 -7.23 -8.73 22.92
CA VAL A 199 -8.27 -9.74 22.65
C VAL A 199 -7.87 -11.10 23.18
N PRO A 200 -6.66 -11.64 22.96
CA PRO A 200 -6.34 -12.94 23.53
C PRO A 200 -6.44 -12.99 25.05
N CYS A 201 -6.21 -11.86 25.73
CA CYS A 201 -6.26 -11.81 27.20
C CYS A 201 -7.62 -11.43 27.74
N LEU A 202 -8.69 -11.58 26.95
CA LEU A 202 -10.04 -11.30 27.42
C LEU A 202 -10.69 -12.52 28.06
N SER A 203 -10.49 -13.70 27.47
CA SER A 203 -11.12 -14.92 27.94
C SER A 203 -10.28 -16.11 27.48
N ASN A 204 -10.53 -17.26 28.09
CA ASN A 204 -9.82 -18.48 27.71
C ASN A 204 -10.12 -18.85 26.28
N LYS A 205 -11.36 -18.63 25.83
CA LYS A 205 -11.71 -18.91 24.44
C LYS A 205 -10.86 -18.09 23.49
N GLU A 206 -10.75 -16.78 23.76
CA GLU A 206 -9.94 -15.92 22.90
C GLU A 206 -8.47 -16.31 22.96
N PHE A 207 -7.97 -16.62 24.15
CA PHE A 207 -6.57 -17.01 24.28
C PHE A 207 -6.27 -18.24 23.45
N PHE A 208 -7.10 -19.28 23.59
CA PHE A 208 -6.82 -20.54 22.92
C PHE A 208 -7.05 -20.44 21.42
N LYS A 209 -8.02 -19.64 20.97
CA LYS A 209 -8.18 -19.50 19.52
C LYS A 209 -7.03 -18.70 18.92
N PHE A 210 -6.51 -17.70 19.67
CA PHE A 210 -5.32 -17.00 19.22
C PHE A 210 -4.11 -17.92 19.18
N LYS A 211 -4.02 -18.83 20.16
CA LYS A 211 -2.87 -19.73 20.24
C LYS A 211 -2.89 -20.77 19.13
N SER A 212 -4.03 -21.43 18.92
CA SER A 212 -4.09 -22.55 17.98
C SER A 212 -4.02 -22.07 16.53
N SER A 213 -5.01 -21.30 16.10
CA SER A 213 -4.88 -20.67 14.80
C SER A 213 -3.89 -19.52 14.96
N PRO A 214 -2.74 -19.55 14.25
CA PRO A 214 -1.69 -18.57 14.51
C PRO A 214 -2.28 -17.17 14.63
N ASN A 215 -2.79 -16.61 13.53
CA ASN A 215 -3.91 -15.70 13.69
C ASN A 215 -5.04 -16.02 12.74
N LYS A 216 -4.75 -16.72 11.63
CA LYS A 216 -5.63 -16.76 10.46
C LYS A 216 -6.35 -15.42 10.29
N ARG A 217 -5.58 -14.34 10.29
CA ARG A 217 -6.17 -13.02 10.51
C ARG A 217 -7.12 -12.63 9.39
N ASN A 218 -8.41 -12.75 9.66
CA ASN A 218 -9.46 -12.02 8.97
C ASN A 218 -9.74 -10.68 9.64
N HIS A 219 -8.81 -10.19 10.45
CA HIS A 219 -8.98 -8.96 11.21
C HIS A 219 -8.68 -7.73 10.38
N MET A 220 -8.77 -7.83 9.05
CA MET A 220 -8.60 -6.65 8.20
C MET A 220 -9.56 -5.54 8.62
N GLY A 221 -10.74 -5.92 9.16
CA GLY A 221 -11.69 -4.91 9.60
C GLY A 221 -11.13 -3.99 10.66
N SER A 222 -10.21 -4.51 11.49
CA SER A 222 -9.54 -3.69 12.49
C SER A 222 -8.64 -2.63 11.87
N TYR A 223 -8.21 -2.83 10.63
CA TYR A 223 -7.23 -1.95 10.00
C TYR A 223 -7.83 -1.03 8.96
N VAL A 224 -9.15 -1.08 8.74
CA VAL A 224 -9.75 -0.28 7.66
C VAL A 224 -9.42 1.19 7.82
N LYS A 225 -9.51 1.73 9.04
CA LYS A 225 -9.29 3.16 9.22
C LYS A 225 -7.84 3.54 8.92
N ALA A 226 -6.90 2.73 9.39
CA ALA A 226 -5.49 3.01 9.13
C ALA A 226 -5.20 3.00 7.64
N ILE A 227 -5.77 2.01 6.92
CA ILE A 227 -5.53 1.95 5.48
C ILE A 227 -6.15 3.15 4.79
N GLN A 228 -7.29 3.64 5.30
CA GLN A 228 -7.88 4.85 4.74
C GLN A 228 -6.92 6.01 4.85
N TYR A 229 -6.26 6.15 6.00
CA TYR A 229 -5.29 7.24 6.17
C TYR A 229 -4.09 7.07 5.23
N TYR A 230 -3.58 5.85 5.10
CA TYR A 230 -2.48 5.62 4.16
C TYR A 230 -2.90 5.94 2.73
N ASN A 231 -4.12 5.55 2.34
CA ASN A 231 -4.64 5.87 1.01
C ASN A 231 -4.74 7.37 0.79
N LEU A 232 -5.09 8.12 1.85
CA LEU A 232 -5.08 9.57 1.74
C LEU A 232 -3.65 10.11 1.59
N CYS A 233 -2.68 9.49 2.27
CA CYS A 233 -1.28 9.86 2.05
C CYS A 233 -0.93 9.72 0.58
N ILE A 234 -1.28 8.57 0.01
CA ILE A 234 -0.94 8.29 -1.39
C ILE A 234 -1.67 9.26 -2.32
N MET A 235 -2.93 9.59 -2.00
CA MET A 235 -3.65 10.57 -2.82
C MET A 235 -2.95 11.92 -2.79
N LEU A 236 -2.44 12.33 -1.63
CA LEU A 236 -1.80 13.64 -1.51
C LEU A 236 -0.47 13.68 -2.24
N ILE A 237 0.43 12.75 -1.93
CA ILE A 237 1.75 12.72 -2.56
C ILE A 237 2.08 11.28 -2.96
N PRO A 238 1.64 10.80 -4.13
CA PRO A 238 1.85 9.39 -4.49
C PRO A 238 3.31 9.02 -4.72
N ALA A 239 4.22 9.99 -4.84
CA ALA A 239 5.63 9.68 -5.05
C ALA A 239 6.31 9.10 -3.80
N LEU A 240 5.75 9.29 -2.61
CA LEU A 240 6.43 8.93 -1.36
C LEU A 240 6.07 7.49 -0.96
N SER A 241 7.09 6.71 -0.61
CA SER A 241 6.94 5.25 -0.56
C SER A 241 6.39 4.73 0.77
N GLU A 242 6.50 5.47 1.87
CA GLU A 242 6.19 4.89 3.17
C GLU A 242 4.75 4.38 3.31
N PRO A 243 3.71 5.11 2.86
CA PRO A 243 2.33 4.59 3.02
C PRO A 243 2.12 3.25 2.35
N TYR A 244 2.68 3.06 1.15
CA TYR A 244 2.54 1.79 0.45
C TYR A 244 3.12 0.67 1.28
N ASN A 245 4.30 0.92 1.86
CA ASN A 245 4.96 -0.06 2.69
C ASN A 245 4.12 -0.40 3.92
N GLN A 246 3.50 0.61 4.53
CA GLN A 246 2.71 0.31 5.72
C GLN A 246 1.45 -0.48 5.39
N ILE A 247 0.85 -0.23 4.22
CA ILE A 247 -0.27 -1.07 3.80
C ILE A 247 0.19 -2.51 3.60
N GLY A 248 1.35 -2.68 2.97
CA GLY A 248 1.93 -4.01 2.83
C GLY A 248 2.23 -4.67 4.17
N VAL A 249 2.64 -3.88 5.16
CA VAL A 249 2.88 -4.42 6.50
C VAL A 249 1.57 -4.95 7.07
N ILE A 250 0.47 -4.21 6.87
CA ILE A 250 -0.82 -4.64 7.40
C ILE A 250 -1.25 -5.96 6.76
N TYR A 251 -1.12 -6.05 5.44
CA TYR A 251 -1.50 -7.28 4.75
C TYR A 251 -0.61 -8.44 5.17
N ASN A 252 0.68 -8.18 5.39
CA ASN A 252 1.58 -9.22 5.88
C ASN A 252 1.15 -9.72 7.26
N SER A 253 0.72 -8.81 8.13
CA SER A 253 0.32 -9.21 9.48
C SER A 253 -1.00 -9.96 9.50
N VAL A 254 -1.83 -9.84 8.46
CA VAL A 254 -3.04 -10.66 8.37
C VAL A 254 -2.83 -11.88 7.48
N ASP A 255 -1.58 -12.23 7.18
CA ASP A 255 -1.21 -13.39 6.38
C ASP A 255 -1.72 -13.30 4.94
N ASP A 256 -2.09 -12.11 4.47
CA ASP A 256 -2.38 -11.90 3.06
C ASP A 256 -1.06 -11.56 2.35
N LYS A 257 -0.25 -12.60 2.16
CA LYS A 257 1.14 -12.41 1.73
C LYS A 257 1.23 -11.86 0.30
N PHE A 258 0.34 -12.28 -0.60
CA PHE A 258 0.45 -11.76 -1.96
C PHE A 258 0.15 -10.26 -2.02
N ASN A 259 -0.90 -9.81 -1.32
CA ASN A 259 -1.19 -8.37 -1.27
C ASN A 259 -0.05 -7.61 -0.62
N ALA A 260 0.56 -8.21 0.40
CA ALA A 260 1.74 -7.59 1.00
C ALA A 260 2.82 -7.40 -0.05
N ILE A 261 3.10 -8.45 -0.85
CA ILE A 261 4.14 -8.35 -1.87
C ILE A 261 3.80 -7.26 -2.87
N TYR A 262 2.53 -7.19 -3.27
CA TYR A 262 2.10 -6.16 -4.21
C TYR A 262 2.38 -4.75 -3.67
N TRP A 263 1.96 -4.47 -2.44
CA TRP A 263 2.16 -3.13 -1.87
C TRP A 263 3.63 -2.85 -1.58
N PHE A 264 4.43 -3.86 -1.22
CA PHE A 264 5.86 -3.63 -1.07
C PHE A 264 6.51 -3.27 -2.41
N LEU A 265 6.06 -3.91 -3.48
CA LEU A 265 6.56 -3.54 -4.80
C LEU A 265 6.12 -2.13 -5.19
N ARG A 266 4.87 -1.78 -4.92
CA ARG A 266 4.42 -0.42 -5.23
C ARG A 266 5.22 0.59 -4.43
N SER A 267 5.53 0.26 -3.17
CA SER A 267 6.42 1.11 -2.38
C SER A 267 7.77 1.27 -3.06
N HIS A 268 8.35 0.14 -3.51
CA HIS A 268 9.67 0.20 -4.12
C HIS A 268 9.67 1.03 -5.40
N PHE A 269 8.56 1.01 -6.15
CA PHE A 269 8.53 1.65 -7.47
C PHE A 269 7.91 3.06 -7.47
N SER A 270 7.57 3.63 -6.31
CA SER A 270 7.08 5.01 -6.32
C SER A 270 8.23 5.95 -6.67
N ARG A 271 7.88 7.08 -7.31
CA ARG A 271 8.88 7.93 -7.95
C ARG A 271 9.95 8.41 -6.96
N LEU A 272 9.56 8.76 -5.72
CA LEU A 272 10.52 9.23 -4.74
C LEU A 272 10.76 8.18 -3.65
N SER A 273 10.68 6.90 -4.00
CA SER A 273 10.89 5.84 -3.03
C SER A 273 12.30 5.86 -2.45
N GLU A 274 12.42 5.56 -1.16
CA GLU A 274 13.73 5.34 -0.53
C GLU A 274 14.40 4.06 -1.02
N HIS A 275 13.63 3.11 -1.60
CA HIS A 275 14.13 1.93 -2.32
C HIS A 275 14.70 0.85 -1.41
N GLN A 276 14.30 0.79 -0.12
CA GLN A 276 14.80 -0.24 0.78
C GLN A 276 13.70 -0.98 1.53
N LEU A 277 12.72 -0.26 2.10
CA LEU A 277 11.74 -0.87 3.00
C LEU A 277 10.88 -1.92 2.30
N GLY A 278 10.28 -1.55 1.17
CA GLY A 278 9.44 -2.49 0.45
C GLY A 278 10.22 -3.69 -0.05
N PHE A 279 11.40 -3.46 -0.62
CA PHE A 279 12.18 -4.55 -1.20
C PHE A 279 12.64 -5.52 -0.12
N ALA A 280 13.10 -5.01 1.02
CA ALA A 280 13.50 -5.87 2.13
C ALA A 280 12.32 -6.68 2.67
N ASN A 281 11.16 -6.03 2.85
CA ASN A 281 9.99 -6.77 3.33
C ASN A 281 9.54 -7.85 2.33
N MET A 282 9.53 -7.51 1.05
CA MET A 282 9.15 -8.50 0.04
C MET A 282 10.14 -9.65 -0.01
N SER A 283 11.44 -9.36 0.04
CA SER A 283 12.45 -10.42 0.02
C SER A 283 12.33 -11.31 1.25
N ALA A 284 12.00 -10.72 2.40
CA ALA A 284 11.84 -11.55 3.59
C ALA A 284 10.67 -12.52 3.41
N ILE A 285 9.57 -12.04 2.84
CA ILE A 285 8.44 -12.95 2.55
C ILE A 285 8.87 -14.05 1.58
N LEU A 286 9.50 -13.67 0.47
CA LEU A 286 9.86 -14.65 -0.56
C LEU A 286 10.82 -15.70 -0.04
N LYS A 287 11.72 -15.31 0.87
CA LYS A 287 12.69 -16.25 1.43
C LYS A 287 12.05 -17.29 2.35
N LYS A 288 10.87 -17.00 2.88
CA LYS A 288 10.22 -17.89 3.84
C LYS A 288 9.49 -19.03 3.11
N HIS A 289 8.70 -19.80 3.84
CA HIS A 289 8.09 -21.03 3.34
C HIS A 289 6.59 -20.92 3.11
N TRP A 290 6.00 -19.74 3.29
CA TRP A 290 4.56 -19.62 3.21
C TRP A 290 4.05 -19.97 1.81
N PHE A 291 4.74 -19.53 0.77
CA PHE A 291 4.20 -19.78 -0.57
C PHE A 291 4.40 -21.24 -1.00
N THR A 292 5.55 -21.83 -0.67
CA THR A 292 5.74 -23.25 -0.99
C THR A 292 4.74 -24.13 -0.23
N THR A 293 4.51 -23.84 1.05
CA THR A 293 3.53 -24.60 1.82
C THR A 293 2.12 -24.39 1.28
N ALA A 294 1.78 -23.15 0.91
CA ALA A 294 0.49 -22.88 0.29
C ALA A 294 0.32 -23.67 -1.00
N LEU A 295 1.37 -23.71 -1.83
CA LEU A 295 1.32 -24.45 -3.09
C LEU A 295 1.09 -25.94 -2.86
N VAL A 296 1.76 -26.50 -1.85
CA VAL A 296 1.58 -27.92 -1.53
C VAL A 296 0.15 -28.17 -1.08
N ASP A 297 -0.38 -27.29 -0.22
CA ASP A 297 -1.74 -27.45 0.27
C ASP A 297 -2.75 -27.37 -0.88
N ILE A 298 -2.55 -26.44 -1.81
CA ILE A 298 -3.46 -26.34 -2.95
C ILE A 298 -3.39 -27.60 -3.82
N VAL A 299 -2.17 -28.04 -4.14
CA VAL A 299 -2.00 -29.17 -5.07
C VAL A 299 -2.58 -30.45 -4.47
N ASN A 300 -2.40 -30.63 -3.16
CA ASN A 300 -2.99 -31.79 -2.49
C ASN A 300 -4.50 -31.70 -2.36
N GLY A 301 -5.10 -30.54 -2.63
CA GLY A 301 -6.55 -30.41 -2.62
C GLY A 301 -7.13 -30.30 -1.22
N ASN A 302 -7.14 -31.42 -0.49
CA ASN A 302 -7.62 -31.41 0.88
C ASN A 302 -6.84 -30.42 1.71
N SER A 303 -7.54 -29.55 2.43
CA SER A 303 -6.87 -28.56 3.25
C SER A 303 -7.89 -27.80 4.07
N GLU A 304 -7.48 -27.43 5.30
CA GLU A 304 -8.19 -26.44 6.08
C GLU A 304 -8.01 -25.03 5.52
N ARG A 305 -7.09 -24.85 4.56
CA ARG A 305 -6.73 -23.51 4.13
C ARG A 305 -7.88 -22.83 3.39
N ARG A 306 -8.50 -23.53 2.44
CA ARG A 306 -9.66 -23.02 1.70
C ARG A 306 -9.34 -21.66 1.05
N PHE A 307 -8.42 -21.70 0.09
CA PHE A 307 -8.08 -20.50 -0.68
C PHE A 307 -9.12 -20.21 -1.75
N SER A 308 -9.37 -18.93 -2.00
CA SER A 308 -10.23 -18.57 -3.13
C SER A 308 -9.46 -18.74 -4.43
N ASN A 309 -10.21 -18.77 -5.54
CA ASN A 309 -9.59 -18.94 -6.84
C ASN A 309 -8.55 -17.84 -7.11
N ALA A 310 -8.87 -16.61 -6.70
CA ALA A 310 -7.90 -15.53 -6.86
C ALA A 310 -6.65 -15.79 -6.03
N ASN A 311 -6.82 -16.20 -4.76
CA ASN A 311 -5.68 -16.53 -3.93
C ASN A 311 -4.88 -17.69 -4.51
N VAL A 312 -5.56 -18.68 -5.11
CA VAL A 312 -4.84 -19.79 -5.75
C VAL A 312 -4.00 -19.28 -6.91
N MET A 313 -4.58 -18.42 -7.76
CA MET A 313 -3.80 -17.79 -8.84
C MET A 313 -2.62 -17.00 -8.30
N ASN A 314 -2.82 -16.23 -7.21
CA ASN A 314 -1.73 -15.46 -6.62
C ASN A 314 -0.60 -16.36 -6.14
N VAL A 315 -0.95 -17.44 -5.44
CA VAL A 315 0.05 -18.40 -4.95
C VAL A 315 0.81 -19.02 -6.11
N PHE A 316 0.07 -19.46 -7.16
CA PHE A 316 0.71 -20.02 -8.35
C PHE A 316 1.71 -19.02 -8.94
N LEU A 317 1.28 -17.76 -9.08
CA LEU A 317 2.12 -16.77 -9.74
C LEU A 317 3.41 -16.56 -8.96
N VAL A 318 3.30 -16.38 -7.65
CA VAL A 318 4.51 -16.17 -6.83
C VAL A 318 5.43 -17.38 -6.93
N CYS A 319 4.87 -18.59 -6.89
CA CYS A 319 5.75 -19.77 -6.95
C CYS A 319 6.45 -19.88 -8.31
N LEU A 320 5.74 -19.52 -9.38
CA LEU A 320 6.34 -19.60 -10.70
C LEU A 320 7.42 -18.54 -10.88
N LEU A 321 7.15 -17.31 -10.42
CA LEU A 321 8.16 -16.26 -10.46
C LEU A 321 9.35 -16.62 -9.60
N GLY A 322 9.11 -17.19 -8.41
CA GLY A 322 10.19 -17.56 -7.52
C GLY A 322 11.07 -18.67 -8.08
N TYR A 323 10.47 -19.58 -8.86
CA TYR A 323 11.26 -20.63 -9.51
C TYR A 323 12.42 -20.05 -10.31
N ILE A 324 12.21 -18.89 -10.93
CA ILE A 324 13.23 -18.22 -11.72
C ILE A 324 14.05 -17.25 -10.88
N TYR A 325 13.35 -16.41 -10.11
CA TYR A 325 13.98 -15.31 -9.38
C TYR A 325 14.64 -15.77 -8.09
N CYS A 326 14.09 -16.78 -7.43
CA CYS A 326 14.62 -17.29 -6.16
C CYS A 326 14.72 -18.81 -6.21
N PRO A 327 15.55 -19.35 -7.11
CA PRO A 327 15.56 -20.82 -7.29
C PRO A 327 16.00 -21.59 -6.06
N GLU A 328 16.77 -20.99 -5.15
CA GLU A 328 17.22 -21.71 -3.97
C GLU A 328 16.08 -22.06 -3.03
N ARG A 329 14.91 -21.44 -3.20
CA ARG A 329 13.71 -21.80 -2.45
C ARG A 329 12.63 -22.42 -3.31
N TYR A 330 12.55 -22.08 -4.60
CA TYR A 330 11.44 -22.48 -5.45
C TYR A 330 11.85 -23.36 -6.63
N LYS A 331 13.05 -23.93 -6.62
CA LYS A 331 13.50 -24.73 -7.75
C LYS A 331 14.21 -25.99 -7.27
N ASN A 332 13.70 -27.14 -7.65
CA ASN A 332 14.37 -28.43 -7.50
C ASN A 332 14.13 -29.20 -8.80
N GLY A 333 15.10 -29.13 -9.72
CA GLY A 333 14.97 -29.75 -11.01
C GLY A 333 13.89 -29.10 -11.85
N PRO A 334 12.98 -29.91 -12.41
CA PRO A 334 11.84 -29.34 -13.13
C PRO A 334 10.74 -28.86 -12.20
N ASN A 335 10.86 -29.12 -10.90
CA ASN A 335 9.78 -28.95 -9.94
C ASN A 335 10.04 -27.74 -9.04
N ILE A 336 8.93 -27.19 -8.55
CA ILE A 336 9.01 -26.10 -7.59
C ILE A 336 9.27 -26.64 -6.19
N VAL A 337 8.39 -27.52 -5.73
CA VAL A 337 8.50 -28.16 -4.42
C VAL A 337 7.91 -29.56 -4.53
N LYS A 338 8.57 -30.54 -3.91
CA LYS A 338 8.00 -31.87 -3.70
C LYS A 338 7.45 -32.47 -4.99
N LYS A 339 8.28 -32.45 -6.04
CA LYS A 339 7.96 -33.00 -7.35
C LYS A 339 6.85 -32.27 -8.07
N ILE A 340 6.41 -31.11 -7.57
CA ILE A 340 5.34 -30.38 -8.26
C ILE A 340 5.99 -29.62 -9.43
N PRO A 341 5.67 -29.96 -10.68
CA PRO A 341 6.39 -29.36 -11.80
C PRO A 341 5.99 -27.90 -12.04
N PHE A 342 6.99 -27.10 -12.41
CA PHE A 342 6.75 -25.75 -12.91
C PHE A 342 5.69 -25.75 -14.00
N SER A 343 5.82 -26.65 -14.98
CA SER A 343 4.93 -26.62 -16.13
C SER A 343 3.48 -26.87 -15.73
N LYS A 344 3.25 -27.77 -14.78
CA LYS A 344 1.88 -28.04 -14.34
C LYS A 344 1.26 -26.77 -13.75
N ILE A 345 2.01 -26.07 -12.89
CA ILE A 345 1.48 -24.88 -12.23
C ILE A 345 1.27 -23.77 -13.25
N GLU A 346 2.19 -23.63 -14.20
CA GLU A 346 2.03 -22.62 -15.24
C GLU A 346 0.77 -22.88 -16.05
N THR A 347 0.55 -24.14 -16.45
CA THR A 347 -0.66 -24.50 -17.18
C THR A 347 -1.91 -24.20 -16.36
N ASP A 348 -1.89 -24.54 -15.06
CA ASP A 348 -3.07 -24.30 -14.23
C ASP A 348 -3.36 -22.81 -14.10
N LEU A 349 -2.34 -21.99 -13.82
CA LEU A 349 -2.57 -20.57 -13.72
C LEU A 349 -3.07 -19.98 -15.04
N PHE A 350 -2.48 -20.39 -16.16
CA PHE A 350 -2.89 -19.83 -17.45
C PHE A 350 -4.33 -20.21 -17.78
N LYS A 351 -4.77 -21.42 -17.39
CA LYS A 351 -6.18 -21.78 -17.55
C LYS A 351 -7.08 -20.90 -16.69
N MET A 352 -6.64 -20.59 -15.46
CA MET A 352 -7.49 -19.76 -14.60
C MET A 352 -7.57 -18.31 -15.07
N ILE A 353 -6.58 -17.84 -15.85
CA ILE A 353 -6.72 -16.50 -16.43
C ILE A 353 -8.04 -16.37 -17.19
N SER A 354 -8.39 -17.39 -17.95
CA SER A 354 -9.65 -17.33 -18.70
C SER A 354 -10.84 -17.77 -17.84
N SER A 355 -10.68 -18.82 -17.04
CA SER A 355 -11.84 -19.28 -16.28
C SER A 355 -12.20 -18.32 -15.15
N ASP A 356 -11.25 -17.54 -14.65
CA ASP A 356 -11.49 -16.66 -13.51
C ASP A 356 -10.95 -15.26 -13.76
N PHE A 357 -11.11 -14.75 -14.97
CA PHE A 357 -10.60 -13.42 -15.28
C PHE A 357 -11.19 -12.40 -14.32
N ASP A 358 -10.33 -11.52 -13.81
CA ASP A 358 -10.73 -10.43 -12.92
C ASP A 358 -9.70 -9.32 -13.11
N GLU A 359 -10.18 -8.13 -13.45
CA GLU A 359 -9.26 -7.08 -13.88
C GLU A 359 -8.33 -6.64 -12.75
N GLN A 360 -8.86 -6.51 -11.53
CA GLN A 360 -7.98 -6.13 -10.41
C GLN A 360 -6.96 -7.21 -10.10
N VAL A 361 -7.37 -8.48 -10.19
CA VAL A 361 -6.45 -9.59 -9.93
C VAL A 361 -5.34 -9.57 -10.97
N VAL A 362 -5.72 -9.39 -12.25
CA VAL A 362 -4.72 -9.40 -13.33
C VAL A 362 -3.81 -8.18 -13.24
N LEU A 363 -4.34 -7.00 -12.90
CA LEU A 363 -3.49 -5.82 -12.73
C LEU A 363 -2.42 -6.08 -11.66
N LYS A 364 -2.83 -6.67 -10.54
CA LYS A 364 -1.83 -6.98 -9.51
C LYS A 364 -0.81 -8.00 -9.99
N HIS A 365 -1.26 -9.04 -10.70
CA HIS A 365 -0.33 -10.01 -11.28
C HIS A 365 0.70 -9.31 -12.16
N LEU A 366 0.24 -8.41 -13.04
CA LEU A 366 1.15 -7.74 -13.96
C LEU A 366 2.14 -6.86 -13.23
N VAL A 367 1.68 -6.15 -12.20
CA VAL A 367 2.61 -5.35 -11.40
C VAL A 367 3.68 -6.25 -10.78
N VAL A 368 3.25 -7.39 -10.23
CA VAL A 368 4.19 -8.25 -9.51
C VAL A 368 5.20 -8.87 -10.47
N MET A 369 4.76 -9.36 -11.63
CA MET A 369 5.69 -10.07 -12.51
C MET A 369 6.63 -9.11 -13.22
N PHE A 370 6.12 -7.94 -13.67
CA PHE A 370 7.02 -6.98 -14.30
C PHE A 370 7.87 -6.23 -13.27
N GLY A 371 7.39 -6.05 -12.05
CA GLY A 371 8.27 -5.59 -10.99
C GLY A 371 9.42 -6.55 -10.72
N ILE A 372 9.13 -7.85 -10.64
CA ILE A 372 10.22 -8.82 -10.42
C ILE A 372 11.19 -8.80 -11.59
N VAL A 373 10.68 -8.67 -12.82
CA VAL A 373 11.55 -8.47 -13.98
C VAL A 373 12.46 -7.26 -13.76
N ARG A 374 11.89 -6.14 -13.30
CA ARG A 374 12.66 -4.92 -13.09
C ARG A 374 13.74 -5.11 -12.03
N LEU A 375 13.49 -5.95 -11.02
CA LEU A 375 14.45 -6.19 -9.95
C LEU A 375 15.54 -7.18 -10.31
N THR A 376 15.47 -7.85 -11.45
CA THR A 376 16.36 -8.97 -11.74
C THR A 376 17.58 -8.47 -12.51
N ARG A 377 18.76 -8.71 -11.95
CA ARG A 377 20.00 -8.23 -12.55
C ARG A 377 20.51 -9.18 -13.62
N GLU A 378 20.53 -10.49 -13.32
CA GLU A 378 21.07 -11.48 -14.24
C GLU A 378 20.29 -11.50 -15.55
N ASP A 379 21.01 -11.46 -16.66
CA ASP A 379 20.37 -11.43 -17.98
C ASP A 379 19.61 -12.73 -18.26
N GLU A 380 20.18 -13.87 -17.90
CA GLU A 380 19.48 -15.14 -18.11
C GLU A 380 18.18 -15.19 -17.32
N GLN A 381 18.26 -14.87 -16.02
CA GLN A 381 17.06 -14.83 -15.18
C GLN A 381 16.06 -13.81 -15.69
N ARG A 382 16.54 -12.62 -16.04
CA ARG A 382 15.62 -11.58 -16.49
C ARG A 382 14.91 -12.00 -17.77
N ASP A 383 15.65 -12.61 -18.70
CA ASP A 383 15.05 -13.04 -19.97
C ASP A 383 14.03 -14.15 -19.76
N LYS A 384 14.34 -15.12 -18.88
CA LYS A 384 13.35 -16.13 -18.54
C LYS A 384 12.10 -15.52 -17.91
N LEU A 385 12.28 -14.56 -17.00
CA LEU A 385 11.12 -13.95 -16.36
C LEU A 385 10.28 -13.19 -17.37
N LEU A 386 10.93 -12.47 -18.30
CA LEU A 386 10.19 -11.75 -19.32
C LEU A 386 9.44 -12.71 -20.24
N ARG A 387 10.06 -13.83 -20.60
CA ARG A 387 9.37 -14.81 -21.44
C ARG A 387 8.15 -15.38 -20.72
N PHE A 388 8.28 -15.67 -19.42
CA PHE A 388 7.12 -16.12 -18.67
C PHE A 388 6.05 -15.03 -18.62
N ALA A 389 6.45 -13.79 -18.34
CA ALA A 389 5.47 -12.71 -18.26
C ALA A 389 4.74 -12.55 -19.59
N PHE A 390 5.46 -12.72 -20.69
CA PHE A 390 4.79 -12.56 -21.98
C PHE A 390 3.96 -13.77 -22.38
N ARG A 391 4.28 -14.96 -21.87
CA ARG A 391 3.33 -16.07 -22.00
C ARG A 391 2.04 -15.77 -21.24
N TYR A 392 2.17 -15.20 -20.04
CA TYR A 392 0.99 -14.72 -19.31
C TYR A 392 0.21 -13.70 -20.14
N VAL A 393 0.91 -12.70 -20.68
CA VAL A 393 0.26 -11.64 -21.46
C VAL A 393 -0.42 -12.22 -22.69
N GLU A 394 0.21 -13.20 -23.34
CA GLU A 394 -0.40 -13.83 -24.50
C GLU A 394 -1.70 -14.51 -24.13
N LYS A 395 -1.74 -15.18 -22.97
CA LYS A 395 -2.99 -15.75 -22.48
C LYS A 395 -4.03 -14.67 -22.21
N VAL A 396 -3.61 -13.53 -21.67
CA VAL A 396 -4.56 -12.44 -21.43
C VAL A 396 -5.14 -11.92 -22.74
N LEU A 397 -4.29 -11.74 -23.76
CA LEU A 397 -4.77 -11.30 -25.07
C LEU A 397 -5.73 -12.31 -25.68
N VAL A 398 -5.41 -13.61 -25.55
CA VAL A 398 -6.33 -14.63 -26.04
C VAL A 398 -7.70 -14.46 -25.37
N TYR A 399 -7.70 -14.28 -24.05
CA TYR A 399 -8.98 -14.01 -23.38
C TYR A 399 -9.66 -12.79 -23.98
N LEU A 400 -8.89 -11.73 -24.27
CA LEU A 400 -9.46 -10.49 -24.78
C LEU A 400 -9.98 -10.61 -26.21
N LYS A 401 -9.65 -11.68 -26.93
CA LYS A 401 -10.31 -11.90 -28.22
C LYS A 401 -11.81 -12.09 -28.06
N THR A 402 -12.29 -12.55 -26.90
CA THR A 402 -13.71 -12.78 -26.69
C THR A 402 -14.28 -12.12 -25.45
N GLY A 403 -13.45 -11.53 -24.58
CA GLY A 403 -13.91 -10.90 -23.36
C GLY A 403 -13.51 -9.44 -23.30
N ASP A 404 -13.84 -8.81 -22.16
CA ASP A 404 -13.61 -7.38 -21.93
C ASP A 404 -12.55 -7.20 -20.85
N GLY A 405 -11.59 -6.31 -21.08
CA GLY A 405 -10.60 -6.01 -20.07
C GLY A 405 -9.80 -4.77 -20.45
N LEU A 406 -10.53 -3.67 -20.66
CA LEU A 406 -9.94 -2.48 -21.25
C LEU A 406 -8.89 -1.86 -20.34
N MET A 407 -9.15 -1.84 -19.03
CA MET A 407 -8.16 -1.33 -18.09
C MET A 407 -6.89 -2.18 -18.11
N VAL A 408 -7.04 -3.50 -18.11
CA VAL A 408 -5.87 -4.39 -18.21
C VAL A 408 -5.14 -4.15 -19.52
N LEU A 409 -5.88 -4.04 -20.63
CA LEU A 409 -5.25 -3.81 -21.93
C LEU A 409 -4.49 -2.47 -21.95
N ARG A 410 -5.11 -1.41 -21.41
CA ARG A 410 -4.40 -0.14 -21.30
C ARG A 410 -3.10 -0.32 -20.53
N PHE A 411 -3.18 -1.03 -19.40
CA PHE A 411 -1.98 -1.15 -18.58
C PHE A 411 -0.88 -1.90 -19.34
N ILE A 412 -1.25 -2.98 -20.00
CA ILE A 412 -0.26 -3.76 -20.76
C ILE A 412 0.41 -2.90 -21.83
N LEU A 413 -0.40 -2.16 -22.59
CA LEU A 413 0.15 -1.38 -23.69
C LEU A 413 1.05 -0.27 -23.16
N ASN A 414 0.70 0.32 -22.02
CA ASN A 414 1.55 1.38 -21.51
C ASN A 414 2.82 0.86 -20.87
N LEU A 415 2.76 -0.35 -20.27
CA LEU A 415 3.98 -1.01 -19.83
C LEU A 415 4.92 -1.21 -21.01
N LEU A 416 4.38 -1.64 -22.15
CA LEU A 416 5.20 -1.78 -23.35
C LEU A 416 5.75 -0.44 -23.82
N ARG A 417 4.91 0.61 -23.82
CA ARG A 417 5.32 1.91 -24.35
C ARG A 417 6.42 2.55 -23.50
N GLU A 418 6.35 2.42 -22.18
CA GLU A 418 7.30 3.09 -21.30
C GLU A 418 8.57 2.28 -21.06
N ASN A 419 8.68 1.08 -21.62
CA ASN A 419 9.80 0.18 -21.35
C ASN A 419 10.27 -0.40 -22.69
N ALA A 420 11.24 0.26 -23.32
CA ALA A 420 11.69 -0.15 -24.64
C ALA A 420 12.17 -1.60 -24.71
N PRO A 421 12.97 -2.13 -23.76
CA PRO A 421 13.36 -3.54 -23.88
C PRO A 421 12.18 -4.50 -23.85
N TRP A 422 11.15 -4.18 -23.05
CA TRP A 422 9.97 -5.04 -23.02
C TRP A 422 9.21 -4.94 -24.33
N LEU A 423 9.13 -3.74 -24.92
CA LEU A 423 8.47 -3.60 -26.21
C LEU A 423 9.22 -4.38 -27.29
N GLN A 424 10.55 -4.34 -27.27
CA GLN A 424 11.33 -5.08 -28.25
C GLN A 424 11.08 -6.58 -28.13
N VAL A 425 11.08 -7.10 -26.90
CA VAL A 425 10.77 -8.53 -26.72
C VAL A 425 9.35 -8.83 -27.22
N PHE A 426 8.38 -7.97 -26.86
CA PHE A 426 6.98 -8.20 -27.24
C PHE A 426 6.84 -8.29 -28.76
N THR A 427 7.38 -7.30 -29.48
CA THR A 427 7.23 -7.28 -30.93
C THR A 427 8.05 -8.34 -31.63
N SER A 428 8.94 -9.03 -30.92
CA SER A 428 9.68 -10.15 -31.50
C SER A 428 8.98 -11.49 -31.30
N ARG A 429 7.89 -11.53 -30.54
CA ARG A 429 7.11 -12.75 -30.34
C ARG A 429 5.92 -12.73 -31.29
N ARG A 430 5.88 -13.69 -32.22
CA ARG A 430 4.84 -13.69 -33.25
C ARG A 430 3.45 -13.76 -32.65
N ASN A 431 3.28 -14.56 -31.60
CA ASN A 431 1.96 -14.72 -31.00
C ASN A 431 1.50 -13.43 -30.32
N CYS A 432 2.42 -12.68 -29.73
CA CYS A 432 2.05 -11.38 -29.16
C CYS A 432 1.48 -10.46 -30.23
N VAL A 433 2.19 -10.35 -31.36
CA VAL A 433 1.73 -9.49 -32.46
C VAL A 433 0.40 -9.98 -33.00
N VAL A 434 0.29 -11.28 -33.26
CA VAL A 434 -0.93 -11.85 -33.84
C VAL A 434 -2.12 -11.62 -32.91
N TYR A 435 -1.96 -11.95 -31.62
CA TYR A 435 -3.06 -11.83 -30.67
C TYR A 435 -3.46 -10.38 -30.49
N LEU A 436 -2.49 -9.47 -30.36
CA LEU A 436 -2.83 -8.05 -30.20
C LEU A 436 -3.56 -7.53 -31.42
N THR A 437 -3.15 -7.97 -32.62
CA THR A 437 -3.84 -7.57 -33.84
C THR A 437 -5.29 -8.04 -33.82
N ALA A 438 -5.52 -9.31 -33.46
CA ALA A 438 -6.90 -9.78 -33.40
C ALA A 438 -7.70 -9.00 -32.35
N VAL A 439 -7.08 -8.70 -31.21
CA VAL A 439 -7.79 -7.96 -30.16
C VAL A 439 -8.18 -6.56 -30.65
N LEU A 440 -7.23 -5.84 -31.26
CA LEU A 440 -7.52 -4.49 -31.73
C LEU A 440 -8.54 -4.48 -32.86
N LYS A 441 -8.59 -5.54 -33.69
CA LYS A 441 -9.56 -5.53 -34.78
C LYS A 441 -10.99 -5.60 -34.27
N ARG A 442 -11.21 -6.07 -33.04
CA ARG A 442 -12.55 -6.02 -32.45
C ARG A 442 -13.04 -4.59 -32.26
N PHE A 443 -12.13 -3.65 -32.01
CA PHE A 443 -12.52 -2.30 -31.64
C PHE A 443 -12.68 -1.39 -32.86
N ALA A 444 -13.71 -0.56 -32.83
CA ALA A 444 -13.89 0.50 -33.80
C ALA A 444 -13.58 1.84 -33.15
N SER A 445 -12.85 2.69 -33.88
CA SER A 445 -12.50 4.00 -33.35
C SER A 445 -12.06 4.90 -34.48
N ASP A 446 -12.63 6.10 -34.54
CA ASP A 446 -12.22 7.12 -35.51
C ASP A 446 -11.00 7.91 -35.03
N SER A 447 -10.51 7.66 -33.81
CA SER A 447 -9.32 8.34 -33.34
C SER A 447 -8.11 7.93 -34.16
N THR A 448 -7.33 8.93 -34.57
CA THR A 448 -6.03 8.70 -35.19
C THR A 448 -4.88 9.19 -34.34
N THR A 449 -5.10 10.23 -33.54
CA THR A 449 -4.14 10.77 -32.59
C THR A 449 -4.61 10.45 -31.18
N ARG A 450 -3.72 10.70 -30.22
CA ARG A 450 -4.04 10.46 -28.83
C ARG A 450 -5.32 11.22 -28.46
N PRO A 451 -6.31 10.56 -27.88
CA PRO A 451 -7.55 11.27 -27.52
C PRO A 451 -7.32 12.20 -26.34
N THR A 452 -8.24 13.12 -26.16
CA THR A 452 -8.27 13.90 -24.93
C THR A 452 -9.45 13.45 -24.08
N ARG A 453 -9.45 13.86 -22.81
CA ARG A 453 -10.48 13.40 -21.89
C ARG A 453 -10.70 14.42 -20.78
N MET A 454 -11.84 14.25 -20.08
CA MET A 454 -12.29 15.17 -19.04
C MET A 454 -11.55 15.00 -17.71
N PHE A 455 -11.08 13.79 -17.40
CA PHE A 455 -10.57 13.47 -16.08
C PHE A 455 -9.76 12.19 -16.18
N PHE A 456 -8.89 11.98 -15.19
CA PHE A 456 -8.20 10.70 -15.03
C PHE A 456 -9.19 9.60 -14.69
N PHE A 457 -8.87 8.39 -15.13
CA PHE A 457 -9.67 7.21 -14.81
C PHE A 457 -9.03 6.48 -13.63
N GLU A 458 -9.71 5.40 -13.22
CA GLU A 458 -9.31 4.68 -12.01
C GLU A 458 -7.86 4.20 -12.09
N GLU A 459 -7.48 3.60 -13.21
CA GLU A 459 -6.11 3.09 -13.37
C GLU A 459 -5.08 4.22 -13.39
N ASP A 460 -5.42 5.38 -13.98
CA ASP A 460 -4.51 6.53 -13.93
C ASP A 460 -4.24 6.95 -12.49
N VAL A 461 -5.30 7.09 -11.69
CA VAL A 461 -5.15 7.47 -10.29
C VAL A 461 -4.34 6.42 -9.55
N ASN A 462 -4.69 5.14 -9.77
CA ASN A 462 -4.03 4.04 -9.08
C ASN A 462 -2.52 4.03 -9.34
N PHE A 463 -2.10 4.32 -10.58
CA PHE A 463 -0.68 4.15 -10.91
C PHE A 463 0.11 5.46 -10.97
N ARG A 464 -0.44 6.56 -10.47
CA ARG A 464 0.32 7.82 -10.43
C ARG A 464 1.66 7.61 -9.76
N ASP A 465 2.72 8.13 -10.39
CA ASP A 465 4.09 8.11 -9.87
C ASP A 465 4.63 6.70 -9.64
N CYS A 466 4.10 5.71 -10.35
CA CYS A 466 4.71 4.39 -10.40
C CYS A 466 5.71 4.34 -11.54
N SER A 467 6.95 3.97 -11.23
CA SER A 467 7.99 3.99 -12.25
C SER A 467 7.83 2.89 -13.30
N LEU A 468 6.96 1.91 -13.07
CA LEU A 468 6.72 0.88 -14.08
C LEU A 468 6.16 1.47 -15.36
N ILE A 469 5.37 2.53 -15.26
CA ILE A 469 4.84 3.22 -16.43
C ILE A 469 5.45 4.62 -16.54
N LYS A 470 6.62 4.82 -15.95
CA LYS A 470 7.26 6.12 -15.98
C LYS A 470 6.31 7.20 -15.47
N TYR A 471 5.65 6.88 -14.36
CA TYR A 471 4.93 7.77 -13.46
C TYR A 471 3.57 8.26 -13.98
N GLN A 472 3.15 7.93 -15.20
CA GLN A 472 1.81 8.26 -15.69
C GLN A 472 1.57 7.58 -17.03
N PHE A 473 0.30 7.31 -17.32
CA PHE A 473 -0.07 6.84 -18.64
C PHE A 473 0.17 7.96 -19.65
N LYS A 474 0.54 7.57 -20.86
CA LYS A 474 0.82 8.57 -21.89
C LYS A 474 0.02 8.30 -23.17
N ASP A 475 -1.06 7.54 -23.07
CA ASP A 475 -1.91 7.23 -24.21
C ASP A 475 -3.04 8.23 -24.41
N PHE A 476 -3.14 9.25 -23.55
CA PHE A 476 -4.02 10.40 -23.73
C PHE A 476 -3.18 11.65 -23.85
N ASN A 477 -3.73 12.67 -24.49
CA ASN A 477 -3.17 14.02 -24.48
C ASN A 477 -3.77 14.76 -23.29
N ASP A 478 -3.15 14.62 -22.12
CA ASP A 478 -3.67 15.18 -20.88
C ASP A 478 -3.18 16.59 -20.58
N GLU A 479 -2.72 17.35 -21.58
CA GLU A 479 -2.10 18.64 -21.32
C GLU A 479 -3.07 19.60 -20.64
N ALA A 480 -4.35 19.56 -21.02
CA ALA A 480 -5.32 20.47 -20.42
C ALA A 480 -5.62 20.13 -18.97
N LEU A 481 -5.25 18.94 -18.49
CA LEU A 481 -5.51 18.54 -17.12
C LEU A 481 -4.36 18.84 -16.17
N PHE A 482 -3.23 19.37 -16.65
CA PHE A 482 -2.01 19.37 -15.85
C PHE A 482 -1.52 20.75 -15.40
N SER A 483 -2.11 21.84 -15.89
CA SER A 483 -1.74 23.13 -15.32
C SER A 483 -2.60 23.35 -14.08
N PRO A 484 -2.05 23.17 -12.87
CA PRO A 484 -2.90 23.05 -11.68
C PRO A 484 -3.21 24.35 -10.94
N TYR A 485 -4.16 25.10 -11.50
CA TYR A 485 -5.02 25.95 -10.71
C TYR A 485 -6.28 25.20 -10.29
N ILE A 486 -6.41 23.94 -10.74
CA ILE A 486 -7.34 22.94 -10.20
C ILE A 486 -6.61 21.61 -10.16
N ALA A 487 -7.11 20.67 -9.34
CA ALA A 487 -6.49 19.36 -9.20
C ALA A 487 -7.49 18.20 -9.17
N ASN A 488 -8.78 18.45 -9.42
CA ASN A 488 -9.80 17.43 -9.26
C ASN A 488 -9.79 16.40 -10.38
N MET A 489 -9.45 16.81 -11.59
CA MET A 489 -9.44 15.86 -12.71
C MET A 489 -8.33 14.83 -12.54
N VAL A 490 -7.24 15.20 -11.85
CA VAL A 490 -6.07 14.33 -11.70
C VAL A 490 -6.33 13.20 -10.71
N VAL A 491 -7.19 13.42 -9.72
CA VAL A 491 -7.64 12.33 -8.86
C VAL A 491 -8.88 11.66 -9.42
N GLY A 492 -9.31 12.04 -10.61
CA GLY A 492 -10.41 11.37 -11.27
C GLY A 492 -11.79 11.78 -10.80
N ASP A 493 -11.90 12.90 -10.11
CA ASP A 493 -13.16 13.31 -9.49
C ASP A 493 -14.02 14.00 -10.55
N TYR A 494 -14.86 13.20 -11.21
CA TYR A 494 -15.78 13.69 -12.23
C TYR A 494 -17.11 14.16 -11.64
N SER A 495 -17.21 14.24 -10.31
CA SER A 495 -18.45 14.69 -9.69
C SER A 495 -18.84 16.09 -10.16
N LYS A 496 -17.86 16.92 -10.50
CA LYS A 496 -18.12 18.25 -11.01
C LYS A 496 -18.49 18.26 -12.48
N CYS A 497 -18.41 17.13 -13.17
CA CYS A 497 -18.70 17.03 -14.58
C CYS A 497 -20.11 16.48 -14.78
N ASP A 498 -20.83 17.04 -15.75
CA ASP A 498 -22.25 16.75 -15.94
C ASP A 498 -22.42 15.60 -16.93
N LEU A 499 -22.29 14.37 -16.42
CA LEU A 499 -22.36 13.17 -17.24
C LEU A 499 -23.36 12.13 -16.77
N GLN A 500 -23.82 12.18 -15.51
CA GLN A 500 -24.86 11.31 -14.95
C GLN A 500 -24.35 9.87 -14.89
N ASP A 501 -25.06 8.91 -15.50
CA ASP A 501 -24.58 7.54 -15.60
C ASP A 501 -23.78 7.30 -16.87
N ALA A 502 -23.91 8.18 -17.88
CA ALA A 502 -23.13 8.11 -19.10
C ALA A 502 -21.64 8.19 -18.86
N VAL A 503 -21.19 8.35 -17.60
CA VAL A 503 -19.77 8.30 -17.29
C VAL A 503 -19.17 6.98 -17.73
N ASP A 504 -19.88 5.88 -17.47
CA ASP A 504 -19.37 4.56 -17.84
C ASP A 504 -19.19 4.44 -19.35
N GLU A 505 -20.18 4.90 -20.11
CA GLU A 505 -20.07 4.84 -21.56
C GLU A 505 -18.94 5.74 -22.06
N TYR A 506 -18.79 6.92 -21.45
CA TYR A 506 -17.74 7.85 -21.85
C TYR A 506 -16.36 7.26 -21.61
N VAL A 507 -16.16 6.71 -20.41
CA VAL A 507 -14.87 6.12 -20.07
C VAL A 507 -14.57 4.94 -20.97
N GLU A 508 -15.58 4.10 -21.24
CA GLU A 508 -15.33 2.96 -22.11
C GLU A 508 -14.90 3.41 -23.50
N ARG A 509 -15.61 4.39 -24.07
CA ARG A 509 -15.26 4.88 -25.40
C ARG A 509 -13.84 5.47 -25.40
N LYS A 510 -13.51 6.24 -24.37
CA LYS A 510 -12.19 6.89 -24.31
C LYS A 510 -11.07 5.87 -24.16
N ARG A 511 -11.24 4.87 -23.28
CA ARG A 511 -10.26 3.79 -23.14
C ARG A 511 -10.10 3.05 -24.46
N THR A 512 -11.21 2.79 -25.15
CA THR A 512 -11.12 2.10 -26.43
C THR A 512 -10.30 2.90 -27.41
N ASP A 513 -10.55 4.22 -27.52
CA ASP A 513 -9.77 5.07 -28.40
C ASP A 513 -8.28 5.04 -28.04
N ALA A 514 -7.96 5.17 -26.75
CA ALA A 514 -6.56 5.19 -26.34
C ALA A 514 -5.88 3.87 -26.67
N VAL A 515 -6.59 2.77 -26.43
CA VAL A 515 -6.05 1.44 -26.72
C VAL A 515 -5.84 1.25 -28.22
N VAL A 516 -6.80 1.68 -29.04
CA VAL A 516 -6.65 1.53 -30.48
C VAL A 516 -5.46 2.34 -30.99
N VAL A 517 -5.34 3.60 -30.57
CA VAL A 517 -4.28 4.46 -31.10
C VAL A 517 -2.91 3.95 -30.65
N LEU A 518 -2.77 3.65 -29.35
CA LEU A 518 -1.48 3.18 -28.86
C LEU A 518 -1.14 1.80 -29.42
N GLY A 519 -2.11 0.89 -29.49
CA GLY A 519 -1.85 -0.43 -30.01
C GLY A 519 -1.46 -0.41 -31.47
N LYS A 520 -2.08 0.46 -32.27
CA LYS A 520 -1.62 0.62 -33.65
C LYS A 520 -0.20 1.17 -33.69
N LYS A 521 0.11 2.14 -32.81
CA LYS A 521 1.49 2.62 -32.71
C LYS A 521 2.45 1.46 -32.47
N ILE A 522 2.12 0.59 -31.51
CA ILE A 522 3.00 -0.52 -31.16
C ILE A 522 3.14 -1.48 -32.33
N LEU A 523 2.02 -1.84 -32.97
CA LEU A 523 2.09 -2.77 -34.08
C LEU A 523 2.80 -2.17 -35.29
N SER A 524 2.86 -0.83 -35.40
CA SER A 524 3.54 -0.23 -36.55
C SER A 524 5.06 -0.30 -36.43
N GLY A 525 5.60 -0.46 -35.23
CA GLY A 525 7.04 -0.54 -35.07
C GLY A 525 7.63 -1.81 -35.63
#